data_2VGO
#
_entry.id   2VGO
#
_cell.length_a   45.736
_cell.length_b   67.600
_cell.length_c   116.631
_cell.angle_alpha   90.00
_cell.angle_beta   96.59
_cell.angle_gamma   90.00
#
_symmetry.space_group_name_H-M   'P 1 21 1'
#
loop_
_entity.id
_entity.type
_entity.pdbx_description
1 polymer 'SERINE/THREONINE-PROTEIN KINASE 12-A'
2 polymer 'INNER CENTROMERE PROTEIN A'
3 non-polymer N~6~-cyclohexyl-N~2~-(4-morpholin-4-ylphenyl)-9H-purine-2,6-diamine
4 water water
#
loop_
_entity_poly.entity_id
_entity_poly.type
_entity_poly.pdbx_seq_one_letter_code
_entity_poly.pdbx_strand_id
1 'polypeptide(L)'
;TALAEMPKRKFTIDDFDIGRPLGKGKFGNVYLAREKQNKFIMALKVLFKSQLEKEGVEHQLRREIEIQSHLRHPNILRMY
NYFHDRKRIYLMLEFAPRGELYKELQKHGRFDEQRSATFMEELADALHYCHERKVIHRDIKPENLLMGYKGELKIADFGW
SVHAPSLRRR(TPO)MCGTLDYLPPEMIEGKTHDEKVDLWCAGVLCYEFLVGMPPFDSPSHTETHRRIVNVDLKFPPFLS
DGSKDLISKLLRYHPPQRLPLKGVMEHPWVKANSRRVLPPVYQSTQSK
;
A,B
2 'polypeptide(L)' PIPAWASGNLLTQAIRQQYYKPIDVDRMYGTIDSPKLEELFNKS C,D
#
# COMPACT_ATOMS: atom_id res chain seq x y z
N LYS A 10 -14.11 28.01 -9.59
CA LYS A 10 -12.88 28.77 -9.95
C LYS A 10 -12.91 30.21 -9.40
N PHE A 11 -11.72 30.76 -9.17
CA PHE A 11 -11.57 32.08 -8.58
C PHE A 11 -11.84 33.23 -9.55
N THR A 12 -12.34 34.34 -8.99
CA THR A 12 -12.44 35.62 -9.69
C THR A 12 -11.90 36.70 -8.77
N ILE A 13 -11.67 37.90 -9.32
CA ILE A 13 -11.11 39.01 -8.54
C ILE A 13 -12.00 39.44 -7.36
N ASP A 14 -13.31 39.20 -7.50
CA ASP A 14 -14.26 39.54 -6.43
C ASP A 14 -14.16 38.61 -5.22
N ASP A 15 -13.31 37.58 -5.32
CA ASP A 15 -13.05 36.69 -4.18
C ASP A 15 -11.96 37.24 -3.24
N PHE A 16 -11.43 38.42 -3.57
CA PHE A 16 -10.30 38.99 -2.84
C PHE A 16 -10.54 40.44 -2.43
N ASP A 17 -10.18 40.75 -1.20
CA ASP A 17 -10.04 42.12 -0.76
C ASP A 17 -8.65 42.60 -1.19
N ILE A 18 -8.61 43.66 -1.99
CA ILE A 18 -7.32 44.23 -2.37
C ILE A 18 -6.87 45.20 -1.28
N GLY A 19 -5.64 45.00 -0.80
CA GLY A 19 -5.10 45.78 0.30
C GLY A 19 -4.29 46.98 -0.13
N ARG A 20 -3.24 46.73 -0.91
CA ARG A 20 -2.32 47.78 -1.34
C ARG A 20 -1.38 47.22 -2.40
N PRO A 21 -0.82 48.10 -3.28
CA PRO A 21 0.20 47.63 -4.22
C PRO A 21 1.51 47.28 -3.51
N LEU A 22 2.15 46.20 -3.94
CA LEU A 22 3.44 45.78 -3.40
C LEU A 22 4.57 46.12 -4.36
N GLY A 23 4.27 46.13 -5.65
CA GLY A 23 5.28 46.38 -6.67
C GLY A 23 4.71 46.63 -8.04
N LYS A 24 5.54 47.22 -8.90
CA LYS A 24 5.14 47.64 -10.23
C LYS A 24 6.04 47.00 -11.28
N GLY A 25 5.43 46.51 -12.35
CA GLY A 25 6.16 45.89 -13.45
C GLY A 25 5.72 46.43 -14.79
N LYS A 26 6.43 46.04 -15.84
CA LYS A 26 6.11 46.53 -17.18
C LYS A 26 5.16 45.58 -17.92
N PHE A 27 4.41 44.79 -17.16
CA PHE A 27 3.36 43.91 -17.69
C PHE A 27 2.14 43.87 -16.78
N GLY A 28 2.33 44.36 -15.55
CA GLY A 28 1.26 44.46 -14.57
C GLY A 28 1.76 44.89 -13.20
N ASN A 29 1.02 44.51 -12.17
CA ASN A 29 1.35 44.91 -10.80
C ASN A 29 1.12 43.77 -9.82
N VAL A 30 1.74 43.88 -8.65
CA VAL A 30 1.51 42.92 -7.56
C VAL A 30 0.83 43.65 -6.40
N TYR A 31 -0.20 43.02 -5.84
CA TYR A 31 -0.97 43.60 -4.74
C TYR A 31 -1.00 42.67 -3.56
N LEU A 32 -1.01 43.24 -2.37
CA LEU A 32 -1.34 42.50 -1.16
C LEU A 32 -2.84 42.30 -1.18
N ALA A 33 -3.28 41.05 -1.04
CA ALA A 33 -4.69 40.71 -1.13
C ALA A 33 -5.09 39.71 -0.05
N ARG A 34 -6.38 39.70 0.29
CA ARG A 34 -6.90 38.75 1.24
C ARG A 34 -8.05 38.02 0.59
N GLU A 35 -7.95 36.70 0.47
CA GLU A 35 -9.08 35.96 -0.10
C GLU A 35 -10.18 35.81 0.97
N LYS A 36 -11.39 36.19 0.58
CA LYS A 36 -12.49 36.43 1.52
C LYS A 36 -12.94 35.19 2.30
N GLN A 37 -13.00 34.06 1.61
CA GLN A 37 -13.47 32.80 2.17
C GLN A 37 -12.69 32.35 3.42
N ASN A 38 -11.37 32.28 3.32
CA ASN A 38 -10.54 31.80 4.42
C ASN A 38 -9.78 32.91 5.15
N LYS A 39 -10.07 34.17 4.77
CA LYS A 39 -9.39 35.34 5.33
C LYS A 39 -7.85 35.20 5.24
N PHE A 40 -7.39 34.65 4.12
CA PHE A 40 -5.99 34.25 3.96
C PHE A 40 -5.27 35.28 3.11
N ILE A 41 -4.19 35.82 3.66
CA ILE A 41 -3.43 36.89 3.05
C ILE A 41 -2.38 36.34 2.07
N MET A 42 -2.41 36.87 0.86
CA MET A 42 -1.50 36.42 -0.19
C MET A 42 -1.15 37.60 -1.08
N ALA A 43 -0.40 37.33 -2.14
CA ALA A 43 -0.11 38.35 -3.12
C ALA A 43 -0.81 37.98 -4.43
N LEU A 44 -1.32 38.99 -5.12
CA LEU A 44 -1.93 38.80 -6.44
C LEU A 44 -1.13 39.54 -7.48
N LYS A 45 -0.57 38.80 -8.42
CA LYS A 45 0.14 39.40 -9.56
C LYS A 45 -0.85 39.52 -10.70
N VAL A 46 -1.01 40.73 -11.21
CA VAL A 46 -2.03 41.03 -12.21
C VAL A 46 -1.31 41.43 -13.49
N LEU A 47 -1.58 40.67 -14.55
CA LEU A 47 -0.96 40.89 -15.85
C LEU A 47 -2.04 41.17 -16.89
N PHE A 48 -1.73 42.08 -17.82
CA PHE A 48 -2.68 42.44 -18.87
C PHE A 48 -2.48 41.61 -20.13
N LYS A 49 -3.54 40.93 -20.54
CA LYS A 49 -3.50 40.00 -21.68
C LYS A 49 -3.01 40.67 -22.95
N SER A 50 -3.50 41.88 -23.21
CA SER A 50 -3.16 42.56 -24.47
C SER A 50 -1.69 42.97 -24.55
N GLN A 51 -1.13 43.44 -23.44
CA GLN A 51 0.28 43.82 -23.36
C GLN A 51 1.20 42.61 -23.56
N LEU A 52 0.82 41.48 -22.97
CA LEU A 52 1.57 40.22 -23.11
C LEU A 52 1.60 39.75 -24.56
N GLU A 53 0.45 39.85 -25.25
CA GLU A 53 0.38 39.44 -26.65
C GLU A 53 1.17 40.37 -27.56
N LYS A 54 1.07 41.68 -27.33
CA LYS A 54 1.74 42.67 -28.16
C LYS A 54 3.26 42.54 -28.06
N GLU A 55 3.74 42.17 -26.87
CA GLU A 55 5.16 41.99 -26.62
C GLU A 55 5.63 40.58 -27.02
N GLY A 56 4.68 39.71 -27.36
CA GLY A 56 4.98 38.35 -27.82
C GLY A 56 5.56 37.43 -26.77
N VAL A 57 5.11 37.59 -25.52
CA VAL A 57 5.66 36.82 -24.40
C VAL A 57 4.68 35.81 -23.80
N GLU A 58 3.66 35.42 -24.56
CA GLU A 58 2.63 34.49 -24.09
C GLU A 58 3.18 33.11 -23.73
N HIS A 59 4.01 32.55 -24.61
CA HIS A 59 4.61 31.24 -24.35
C HIS A 59 5.64 31.30 -23.22
N GLN A 60 6.26 32.46 -23.08
CA GLN A 60 7.24 32.74 -22.02
C GLN A 60 6.56 32.71 -20.65
N LEU A 61 5.44 33.42 -20.55
CA LEU A 61 4.67 33.44 -19.30
C LEU A 61 4.09 32.07 -18.99
N ARG A 62 3.62 31.39 -20.03
CA ARG A 62 3.08 30.04 -19.88
C ARG A 62 4.10 29.09 -19.23
N ARG A 63 5.36 29.19 -19.66
CA ARG A 63 6.43 28.35 -19.13
C ARG A 63 6.71 28.64 -17.67
N GLU A 64 6.80 29.93 -17.33
CA GLU A 64 7.04 30.37 -15.95
C GLU A 64 5.95 29.87 -15.00
N ILE A 65 4.69 29.96 -15.45
CA ILE A 65 3.56 29.49 -14.66
C ILE A 65 3.62 27.97 -14.49
N GLU A 66 3.85 27.25 -15.58
CA GLU A 66 3.94 25.79 -15.51
C GLU A 66 4.99 25.32 -14.52
N ILE A 67 6.18 25.91 -14.61
CA ILE A 67 7.27 25.55 -13.70
C ILE A 67 6.91 25.89 -12.25
N GLN A 68 6.63 27.17 -11.96
CA GLN A 68 6.39 27.57 -10.59
C GLN A 68 5.15 26.94 -9.93
N SER A 69 4.09 26.70 -10.70
CA SER A 69 2.85 26.17 -10.13
C SER A 69 2.94 24.71 -9.67
N HIS A 70 4.03 24.04 -10.07
CA HIS A 70 4.26 22.62 -9.75
C HIS A 70 5.38 22.41 -8.73
N LEU A 71 5.85 23.50 -8.12
CA LEU A 71 6.92 23.42 -7.12
C LEU A 71 6.38 23.70 -5.73
N ARG A 72 6.66 22.80 -4.79
CA ARG A 72 6.22 22.97 -3.41
C ARG A 72 7.40 22.80 -2.47
N HIS A 73 7.98 23.92 -2.03
CA HIS A 73 9.15 23.90 -1.16
C HIS A 73 9.13 25.12 -0.24
N PRO A 74 9.54 24.97 1.04
CA PRO A 74 9.49 26.14 1.95
C PRO A 74 10.35 27.32 1.52
N ASN A 75 11.32 27.10 0.64
CA ASN A 75 12.17 28.20 0.17
C ASN A 75 11.97 28.53 -1.30
N ILE A 76 10.80 28.16 -1.80
CA ILE A 76 10.37 28.56 -3.14
C ILE A 76 9.02 29.21 -2.94
N LEU A 77 8.86 30.42 -3.49
CA LEU A 77 7.59 31.12 -3.38
C LEU A 77 6.48 30.30 -4.03
N ARG A 78 5.44 30.00 -3.27
CA ARG A 78 4.35 29.16 -3.74
C ARG A 78 3.40 29.93 -4.67
N MET A 79 3.00 29.29 -5.77
CA MET A 79 1.89 29.79 -6.58
C MET A 79 0.69 28.90 -6.27
N TYR A 80 -0.29 29.45 -5.55
CA TYR A 80 -1.43 28.67 -5.05
C TYR A 80 -2.37 28.24 -6.18
N ASN A 81 -2.61 29.16 -7.11
CA ASN A 81 -3.51 28.93 -8.24
C ASN A 81 -3.44 30.17 -9.11
N TYR A 82 -4.26 30.21 -10.15
CA TYR A 82 -4.32 31.35 -11.05
C TYR A 82 -5.68 31.36 -11.71
N PHE A 83 -6.07 32.51 -12.26
CA PHE A 83 -7.34 32.65 -12.94
C PHE A 83 -7.24 33.80 -13.93
N HIS A 84 -8.27 33.99 -14.75
CA HIS A 84 -8.26 35.09 -15.70
C HIS A 84 -9.66 35.64 -15.90
N ASP A 85 -9.74 36.88 -16.34
CA ASP A 85 -11.02 37.46 -16.75
C ASP A 85 -10.89 38.03 -18.15
N ARG A 86 -11.73 39.00 -18.53
CA ARG A 86 -11.72 39.52 -19.89
C ARG A 86 -10.39 40.15 -20.31
N LYS A 87 -9.73 40.83 -19.38
CA LYS A 87 -8.56 41.64 -19.70
C LYS A 87 -7.28 41.21 -19.01
N ARG A 88 -7.40 40.42 -17.95
CA ARG A 88 -6.28 40.18 -17.05
C ARG A 88 -6.08 38.72 -16.68
N ILE A 89 -4.81 38.38 -16.42
CA ILE A 89 -4.42 37.10 -15.83
C ILE A 89 -3.95 37.40 -14.40
N TYR A 90 -4.41 36.58 -13.45
CA TYR A 90 -4.12 36.80 -12.03
C TYR A 90 -3.39 35.59 -11.47
N LEU A 91 -2.23 35.84 -10.85
CA LEU A 91 -1.47 34.76 -10.20
C LEU A 91 -1.57 34.91 -8.70
N MET A 92 -2.05 33.85 -8.05
CA MET A 92 -2.19 33.84 -6.60
C MET A 92 -0.89 33.30 -6.02
N LEU A 93 -0.18 34.17 -5.33
CA LEU A 93 1.19 33.91 -4.88
C LEU A 93 1.31 33.99 -3.37
N GLU A 94 2.22 33.21 -2.82
CA GLU A 94 2.59 33.35 -1.42
C GLU A 94 3.12 34.76 -1.16
N PHE A 95 2.61 35.40 -0.09
CA PHE A 95 3.11 36.70 0.33
C PHE A 95 4.39 36.53 1.14
N ALA A 96 5.42 37.29 0.77
CA ALA A 96 6.71 37.27 1.47
C ALA A 96 6.81 38.51 2.35
N PRO A 97 6.47 38.38 3.64
CA PRO A 97 6.28 39.55 4.52
C PRO A 97 7.50 40.45 4.71
N ARG A 98 8.71 39.90 4.60
CA ARG A 98 9.90 40.71 4.80
C ARG A 98 10.46 41.30 3.50
N GLY A 99 9.79 41.00 2.39
CA GLY A 99 10.04 41.67 1.11
C GLY A 99 11.29 41.26 0.37
N GLU A 100 11.87 42.23 -0.35
N GLU A 100 11.89 42.22 -0.33
CA GLU A 100 13.01 41.98 -1.23
CA GLU A 100 12.98 41.94 -1.27
C GLU A 100 14.31 41.74 -0.47
C GLU A 100 14.35 41.80 -0.59
N LEU A 101 14.98 40.66 -0.83
CA LEU A 101 16.32 40.36 -0.29
C LEU A 101 17.35 41.40 -0.72
N TYR A 102 17.26 41.85 -1.97
CA TYR A 102 18.25 42.79 -2.50
C TYR A 102 18.20 44.12 -1.73
N LYS A 103 17.01 44.52 -1.29
CA LYS A 103 16.84 45.75 -0.52
C LYS A 103 17.50 45.63 0.85
N GLU A 104 17.42 44.45 1.45
CA GLU A 104 18.05 44.18 2.73
C GLU A 104 19.57 44.20 2.59
N LEU A 105 20.08 43.57 1.54
CA LEU A 105 21.51 43.59 1.27
C LEU A 105 22.02 45.01 1.05
N GLN A 106 21.26 45.80 0.29
CA GLN A 106 21.63 47.20 0.00
C GLN A 106 21.63 48.03 1.26
N LYS A 107 20.66 47.77 2.15
CA LYS A 107 20.53 48.50 3.41
C LYS A 107 21.70 48.24 4.37
N HIS A 108 22.16 47.00 4.40
CA HIS A 108 23.22 46.57 5.33
C HIS A 108 24.61 46.66 4.71
N GLY A 109 24.68 46.71 3.38
CA GLY A 109 25.96 46.72 2.67
C GLY A 109 26.42 45.29 2.41
N ARG A 110 26.59 44.53 3.49
CA ARG A 110 26.91 43.11 3.40
C ARG A 110 26.25 42.38 4.57
N PHE A 111 26.04 41.08 4.40
CA PHE A 111 25.48 40.24 5.46
C PHE A 111 26.58 39.58 6.28
N ASP A 112 26.32 39.34 7.55
CA ASP A 112 27.26 38.58 8.37
C ASP A 112 27.26 37.11 7.98
N GLU A 113 28.14 36.33 8.60
CA GLU A 113 28.28 34.92 8.25
C GLU A 113 27.05 34.10 8.59
N GLN A 114 26.43 34.42 9.71
CA GLN A 114 25.22 33.70 10.12
C GLN A 114 24.11 33.86 9.09
N ARG A 115 23.83 35.10 8.71
CA ARG A 115 22.78 35.41 7.75
C ARG A 115 23.07 34.74 6.40
N SER A 116 24.32 34.87 5.96
CA SER A 116 24.73 34.35 4.65
C SER A 116 24.68 32.81 4.62
N ALA A 117 25.16 32.16 5.67
CA ALA A 117 25.16 30.69 5.71
C ALA A 117 23.75 30.13 5.72
N THR A 118 22.87 30.80 6.47
CA THR A 118 21.45 30.42 6.54
C THR A 118 20.84 30.50 5.14
N PHE A 119 21.04 31.62 4.46
CA PHE A 119 20.54 31.79 3.10
C PHE A 119 21.09 30.72 2.17
N MET A 120 22.37 30.38 2.33
CA MET A 120 22.99 29.38 1.46
C MET A 120 22.40 28.00 1.67
N GLU A 121 22.12 27.63 2.92
CA GLU A 121 21.46 26.35 3.19
C GLU A 121 20.07 26.28 2.55
N GLU A 122 19.30 27.34 2.71
CA GLU A 122 17.95 27.45 2.14
C GLU A 122 17.99 27.39 0.61
N LEU A 123 18.91 28.16 0.03
CA LEU A 123 19.10 28.17 -1.42
C LEU A 123 19.44 26.78 -1.93
N ALA A 124 20.41 26.12 -1.29
CA ALA A 124 20.88 24.82 -1.76
C ALA A 124 19.76 23.79 -1.68
N ASP A 125 18.96 23.90 -0.63
CA ASP A 125 17.82 23.00 -0.43
C ASP A 125 16.77 23.19 -1.54
N ALA A 126 16.43 24.45 -1.83
CA ALA A 126 15.47 24.79 -2.87
C ALA A 126 15.97 24.34 -4.25
N LEU A 127 17.24 24.63 -4.54
CA LEU A 127 17.80 24.28 -5.83
C LEU A 127 17.88 22.77 -5.99
N HIS A 128 18.18 22.07 -4.90
CA HIS A 128 18.22 20.60 -4.93
C HIS A 128 16.86 20.04 -5.31
N TYR A 129 15.82 20.58 -4.68
CA TYR A 129 14.44 20.27 -5.02
C TYR A 129 14.16 20.48 -6.52
N CYS A 130 14.59 21.63 -7.05
CA CYS A 130 14.43 21.90 -8.49
C CYS A 130 15.16 20.89 -9.36
N HIS A 131 16.44 20.67 -9.06
CA HIS A 131 17.28 19.77 -9.85
C HIS A 131 16.78 18.32 -9.81
N GLU A 132 16.20 17.91 -8.67
CA GLU A 132 15.55 16.59 -8.56
C GLU A 132 14.45 16.40 -9.59
N ARG A 133 13.91 17.51 -10.09
CA ARG A 133 12.81 17.52 -11.05
C ARG A 133 13.28 18.04 -12.41
N LYS A 134 14.60 18.10 -12.57
CA LYS A 134 15.25 18.56 -13.81
C LYS A 134 14.80 19.98 -14.21
N VAL A 135 14.52 20.81 -13.21
CA VAL A 135 14.33 22.24 -13.43
C VAL A 135 15.64 22.96 -13.08
N ILE A 136 16.15 23.72 -14.05
CA ILE A 136 17.33 24.56 -13.82
C ILE A 136 16.84 26.01 -13.68
N HIS A 137 17.34 26.70 -12.67
CA HIS A 137 16.85 28.06 -12.40
C HIS A 137 17.45 29.09 -13.34
N ARG A 138 18.78 29.12 -13.40
CA ARG A 138 19.56 29.94 -14.35
C ARG A 138 19.61 31.46 -14.11
N ASP A 139 19.07 31.94 -13.00
CA ASP A 139 19.16 33.36 -12.71
C ASP A 139 19.12 33.66 -11.22
N ILE A 140 19.86 32.86 -10.45
CA ILE A 140 20.00 33.11 -9.03
C ILE A 140 20.82 34.38 -8.81
N LYS A 141 20.20 35.32 -8.10
CA LYS A 141 20.80 36.61 -7.72
C LYS A 141 19.89 37.20 -6.64
N PRO A 142 20.39 38.16 -5.83
CA PRO A 142 19.57 38.69 -4.73
C PRO A 142 18.21 39.23 -5.17
N GLU A 143 18.20 39.90 -6.34
CA GLU A 143 16.97 40.51 -6.87
C GLU A 143 15.84 39.50 -7.16
N ASN A 144 16.18 38.22 -7.28
CA ASN A 144 15.19 37.19 -7.54
C ASN A 144 14.73 36.42 -6.29
N LEU A 145 15.10 36.96 -5.14
CA LEU A 145 14.85 36.32 -3.84
C LEU A 145 14.05 37.24 -2.95
N LEU A 146 13.07 36.65 -2.27
CA LEU A 146 12.26 37.37 -1.29
C LEU A 146 12.48 36.74 0.07
N MET A 147 11.87 37.33 1.10
CA MET A 147 12.09 36.85 2.47
C MET A 147 10.78 36.62 3.21
N GLY A 148 10.69 35.47 3.87
CA GLY A 148 9.51 35.08 4.65
C GLY A 148 9.43 35.76 6.00
N TYR A 149 8.40 35.36 6.76
CA TYR A 149 8.10 35.94 8.06
C TYR A 149 9.29 35.89 9.02
N LYS A 150 10.01 34.78 9.01
CA LYS A 150 11.20 34.63 9.85
C LYS A 150 12.50 34.85 9.07
N GLY A 151 12.39 35.58 7.96
CA GLY A 151 13.54 35.92 7.12
C GLY A 151 13.99 34.82 6.17
N GLU A 152 13.21 33.76 6.05
CA GLU A 152 13.58 32.64 5.17
C GLU A 152 13.66 33.05 3.71
N LEU A 153 14.73 32.62 3.04
CA LEU A 153 14.87 32.81 1.59
C LEU A 153 13.71 32.18 0.82
N LYS A 154 13.24 32.89 -0.20
CA LYS A 154 12.19 32.40 -1.07
C LYS A 154 12.63 32.70 -2.48
N ILE A 155 12.86 31.66 -3.29
CA ILE A 155 13.11 31.89 -4.71
C ILE A 155 11.79 32.39 -5.30
N ALA A 156 11.81 33.57 -5.90
CA ALA A 156 10.55 34.24 -6.24
C ALA A 156 10.23 34.32 -7.72
N ASP A 157 11.28 34.26 -8.54
CA ASP A 157 11.18 34.47 -9.98
C ASP A 157 11.77 33.28 -10.71
N PHE A 158 11.14 32.89 -11.81
CA PHE A 158 11.59 31.74 -12.60
C PHE A 158 11.68 32.12 -14.09
N GLY A 159 11.98 33.40 -14.33
CA GLY A 159 12.00 33.98 -15.68
C GLY A 159 12.92 33.34 -16.69
N TRP A 160 14.08 32.85 -16.22
CA TRP A 160 15.02 32.15 -17.08
C TRP A 160 15.03 30.64 -16.88
N SER A 161 14.12 30.12 -16.06
CA SER A 161 14.10 28.70 -15.72
C SER A 161 13.67 27.82 -16.88
N VAL A 162 14.07 26.55 -16.82
CA VAL A 162 13.74 25.58 -17.87
C VAL A 162 13.61 24.19 -17.27
N HIS A 163 12.60 23.45 -17.71
CA HIS A 163 12.53 22.03 -17.45
C HIS A 163 13.37 21.36 -18.55
N ALA A 164 14.49 20.76 -18.15
CA ALA A 164 15.46 20.20 -19.08
C ALA A 164 15.68 18.71 -18.81
N PRO A 165 14.75 17.85 -19.25
CA PRO A 165 14.85 16.44 -18.90
C PRO A 165 16.03 15.69 -19.55
N SER A 166 16.35 16.00 -20.80
CA SER A 166 17.32 15.16 -21.51
C SER A 166 18.46 15.92 -22.18
N LEU A 167 18.12 16.95 -22.94
CA LEU A 167 19.12 17.69 -23.70
C LEU A 167 19.84 18.72 -22.85
N ARG A 168 21.14 18.91 -23.12
CA ARG A 168 21.88 20.03 -22.57
C ARG A 168 21.33 21.30 -23.20
N ARG A 169 21.56 22.43 -22.54
CA ARG A 169 20.99 23.70 -22.99
C ARG A 169 22.00 24.62 -23.65
N ARG A 170 21.49 25.54 -24.46
CA ARG A 170 22.35 26.42 -25.25
C ARG A 170 22.15 27.92 -24.96
N MET A 172 22.10 31.50 -23.71
CA MET A 172 22.78 32.41 -22.80
C MET A 172 21.72 33.20 -22.08
N CYS A 173 21.73 33.10 -20.76
CA CYS A 173 20.74 33.79 -19.97
C CYS A 173 21.19 34.03 -18.55
N GLY A 174 20.45 34.87 -17.84
CA GLY A 174 20.79 35.24 -16.48
C GLY A 174 21.20 36.69 -16.42
N THR A 175 22.25 36.95 -15.67
CA THR A 175 22.66 38.31 -15.32
C THR A 175 24.19 38.41 -15.39
N LEU A 176 24.68 39.46 -16.06
CA LEU A 176 26.10 39.65 -16.34
C LEU A 176 27.05 39.13 -15.27
N ASP A 177 26.94 39.66 -14.06
CA ASP A 177 27.92 39.36 -13.00
C ASP A 177 27.85 37.91 -12.51
N TYR A 178 26.77 37.24 -12.87
CA TYR A 178 26.45 35.90 -12.39
C TYR A 178 26.66 34.82 -13.45
N LEU A 179 27.01 35.22 -14.66
CA LEU A 179 27.13 34.27 -15.78
C LEU A 179 28.26 33.28 -15.55
N PRO A 180 27.98 31.98 -15.74
CA PRO A 180 29.02 30.97 -15.64
C PRO A 180 29.93 30.98 -16.87
N PRO A 181 31.20 30.55 -16.71
CA PRO A 181 32.11 30.56 -17.86
C PRO A 181 31.55 29.85 -19.09
N GLU A 182 30.84 28.74 -18.90
CA GLU A 182 30.38 27.95 -20.05
C GLU A 182 29.39 28.72 -20.92
N MET A 183 28.62 29.62 -20.32
CA MET A 183 27.67 30.42 -21.10
C MET A 183 28.44 31.45 -21.91
N ILE A 184 29.37 32.14 -21.27
CA ILE A 184 30.19 33.15 -21.93
C ILE A 184 30.93 32.56 -23.14
N GLU A 185 31.39 31.31 -22.99
CA GLU A 185 32.18 30.64 -24.04
C GLU A 185 31.36 29.94 -25.12
N GLY A 186 30.04 30.02 -25.01
CA GLY A 186 29.13 29.43 -26.00
C GLY A 186 29.07 27.92 -25.98
N LYS A 187 29.43 27.31 -24.85
CA LYS A 187 29.30 25.86 -24.69
C LYS A 187 27.86 25.49 -24.33
N THR A 188 27.52 24.22 -24.44
CA THR A 188 26.27 23.73 -23.88
C THR A 188 26.38 23.80 -22.37
N HIS A 189 25.24 23.96 -21.69
CA HIS A 189 25.24 23.97 -20.23
C HIS A 189 24.19 23.03 -19.65
N ASP A 190 24.33 22.76 -18.35
CA ASP A 190 23.40 21.91 -17.65
C ASP A 190 23.05 22.52 -16.29
N GLU A 191 22.53 21.70 -15.38
CA GLU A 191 22.08 22.22 -14.08
C GLU A 191 23.20 22.82 -13.24
N LYS A 192 24.45 22.48 -13.58
CA LYS A 192 25.58 22.98 -12.82
C LYS A 192 25.80 24.49 -12.95
N VAL A 193 25.10 25.13 -13.88
CA VAL A 193 25.08 26.61 -13.90
C VAL A 193 24.60 27.21 -12.56
N ASP A 194 23.63 26.54 -11.92
CA ASP A 194 23.06 27.03 -10.66
C ASP A 194 24.07 26.95 -9.51
N LEU A 195 24.96 25.96 -9.58
N LEU A 195 24.98 25.98 -9.58
CA LEU A 195 26.06 25.81 -8.63
CA LEU A 195 26.05 25.83 -8.59
C LEU A 195 26.97 27.03 -8.69
C LEU A 195 27.03 27.00 -8.67
N TRP A 196 27.39 27.41 -9.90
CA TRP A 196 28.21 28.59 -10.11
C TRP A 196 27.54 29.84 -9.55
N CYS A 197 26.27 30.06 -9.91
CA CYS A 197 25.54 31.24 -9.45
C CYS A 197 25.42 31.28 -7.93
N ALA A 198 25.29 30.11 -7.30
CA ALA A 198 25.25 30.02 -5.83
C ALA A 198 26.54 30.54 -5.20
N GLY A 199 27.66 30.26 -5.87
CA GLY A 199 28.97 30.75 -5.42
C GLY A 199 29.10 32.25 -5.53
N VAL A 200 28.63 32.79 -6.65
CA VAL A 200 28.63 34.24 -6.85
C VAL A 200 27.76 34.89 -5.77
N LEU A 201 26.58 34.30 -5.55
CA LEU A 201 25.63 34.79 -4.55
C LEU A 201 26.25 34.83 -3.14
N CYS A 202 26.89 33.73 -2.74
CA CYS A 202 27.54 33.66 -1.43
C CYS A 202 28.57 34.77 -1.27
N TYR A 203 29.41 34.96 -2.29
CA TYR A 203 30.38 36.04 -2.31
C TYR A 203 29.70 37.42 -2.17
N GLU A 204 28.67 37.68 -2.97
CA GLU A 204 27.98 38.98 -2.89
C GLU A 204 27.33 39.22 -1.52
N PHE A 205 26.75 38.17 -0.94
CA PHE A 205 26.20 38.25 0.41
C PHE A 205 27.24 38.77 1.41
N LEU A 206 28.42 38.17 1.36
CA LEU A 206 29.45 38.44 2.36
C LEU A 206 30.26 39.70 2.09
N VAL A 207 30.36 40.07 0.80
CA VAL A 207 31.22 41.19 0.39
C VAL A 207 30.41 42.43 0.02
N GLY A 208 29.22 42.22 -0.56
CA GLY A 208 28.33 43.33 -0.94
C GLY A 208 28.52 43.73 -2.39
N MET A 209 29.49 43.11 -3.05
CA MET A 209 29.72 43.28 -4.48
C MET A 209 29.99 41.90 -5.08
N PRO A 210 29.58 41.68 -6.34
CA PRO A 210 29.90 40.40 -6.99
C PRO A 210 31.40 40.31 -7.31
N PRO A 211 31.94 39.08 -7.36
CA PRO A 211 33.39 38.85 -7.42
C PRO A 211 34.08 39.34 -8.69
N PHE A 212 33.35 39.45 -9.79
CA PHE A 212 33.96 39.79 -11.07
C PHE A 212 33.58 41.19 -11.58
N ASP A 213 33.11 42.02 -10.67
CA ASP A 213 32.75 43.42 -10.93
C ASP A 213 33.80 44.13 -11.80
N SER A 214 33.35 44.69 -12.92
CA SER A 214 34.22 45.45 -13.84
C SER A 214 33.44 46.55 -14.57
N PRO A 215 34.13 47.60 -15.04
CA PRO A 215 33.53 48.71 -15.79
C PRO A 215 33.01 48.36 -17.19
N SER A 216 33.39 47.20 -17.71
CA SER A 216 32.95 46.81 -19.05
C SER A 216 32.54 45.34 -19.10
N HIS A 217 31.58 45.04 -19.97
CA HIS A 217 31.07 43.69 -20.16
C HIS A 217 32.17 42.72 -20.62
N THR A 218 33.07 43.21 -21.46
CA THR A 218 34.21 42.41 -21.94
C THR A 218 35.21 42.09 -20.81
N GLU A 219 35.47 43.05 -19.92
CA GLU A 219 36.38 42.80 -18.81
C GLU A 219 35.77 41.87 -17.74
N THR A 220 34.48 42.03 -17.49
CA THR A 220 33.74 41.10 -16.62
C THR A 220 33.80 39.67 -17.17
N HIS A 221 33.52 39.53 -18.46
CA HIS A 221 33.62 38.24 -19.15
C HIS A 221 35.02 37.64 -18.97
N ARG A 222 36.05 38.47 -19.15
CA ARG A 222 37.43 38.04 -19.00
C ARG A 222 37.69 37.52 -17.58
N ARG A 223 37.23 38.26 -16.58
CA ARG A 223 37.43 37.86 -15.19
C ARG A 223 36.73 36.55 -14.87
N ILE A 224 35.52 36.36 -15.41
CA ILE A 224 34.75 35.15 -15.17
C ILE A 224 35.44 33.91 -15.73
N VAL A 225 35.85 33.99 -17.00
CA VAL A 225 36.44 32.81 -17.66
C VAL A 225 37.84 32.46 -17.14
N ASN A 226 38.51 33.44 -16.52
CA ASN A 226 39.79 33.24 -15.84
C ASN A 226 39.59 32.89 -14.36
N VAL A 227 38.33 32.87 -13.93
CA VAL A 227 37.96 32.78 -12.50
C VAL A 227 38.88 33.66 -11.66
N ASP A 228 38.89 34.94 -12.00
CA ASP A 228 39.79 35.92 -11.39
C ASP A 228 39.28 36.36 -10.02
N LEU A 229 39.26 35.40 -9.11
CA LEU A 229 38.66 35.56 -7.79
C LEU A 229 39.68 36.14 -6.81
N LYS A 230 39.35 37.30 -6.23
CA LYS A 230 40.22 37.96 -5.25
C LYS A 230 39.49 38.25 -3.94
N PHE A 231 39.66 37.36 -2.97
CA PHE A 231 38.96 37.47 -1.68
C PHE A 231 39.46 38.64 -0.84
N PRO A 232 38.52 39.48 -0.37
CA PRO A 232 38.82 40.48 0.67
C PRO A 232 39.35 39.83 1.94
N PRO A 233 40.25 40.54 2.66
CA PRO A 233 40.90 40.03 3.85
C PRO A 233 39.98 39.69 5.02
N PHE A 234 38.77 40.26 5.05
CA PHE A 234 37.88 40.06 6.21
C PHE A 234 37.10 38.74 6.18
N LEU A 235 37.10 38.08 5.02
CA LEU A 235 36.40 36.80 4.88
C LEU A 235 37.07 35.69 5.67
N SER A 236 36.24 34.87 6.32
CA SER A 236 36.71 33.68 7.03
C SER A 236 37.22 32.61 6.06
N ASP A 237 38.12 31.76 6.55
CA ASP A 237 38.60 30.62 5.76
C ASP A 237 37.46 29.72 5.30
N GLY A 238 36.48 29.51 6.18
CA GLY A 238 35.32 28.65 5.86
C GLY A 238 34.52 29.18 4.68
N SER A 239 34.22 30.48 4.70
CA SER A 239 33.42 31.08 3.64
C SER A 239 34.19 31.05 2.31
N LYS A 240 35.49 31.31 2.36
CA LYS A 240 36.33 31.26 1.16
C LYS A 240 36.41 29.84 0.62
N ASP A 241 36.45 28.85 1.51
CA ASP A 241 36.45 27.45 1.10
C ASP A 241 35.19 27.11 0.29
N LEU A 242 34.02 27.46 0.83
CA LEU A 242 32.77 27.20 0.13
C LEU A 242 32.68 27.92 -1.23
N ILE A 243 32.96 29.22 -1.24
CA ILE A 243 32.90 30.01 -2.48
C ILE A 243 33.83 29.41 -3.53
N SER A 244 35.06 29.10 -3.12
CA SER A 244 36.06 28.53 -4.02
C SER A 244 35.63 27.18 -4.59
N LYS A 245 34.91 26.41 -3.80
CA LYS A 245 34.45 25.09 -4.24
C LYS A 245 33.26 25.16 -5.20
N LEU A 246 32.53 26.28 -5.18
CA LEU A 246 31.42 26.49 -6.09
C LEU A 246 31.86 27.16 -7.40
N LEU A 247 32.78 28.12 -7.28
CA LEU A 247 33.28 28.90 -8.41
C LEU A 247 34.43 28.19 -9.10
N ARG A 248 34.15 26.99 -9.61
CA ARG A 248 35.09 26.19 -10.37
C ARG A 248 34.80 26.37 -11.85
N TYR A 249 35.86 26.53 -12.64
CA TYR A 249 35.75 26.66 -14.08
C TYR A 249 35.02 25.47 -14.70
N HIS A 250 35.39 24.26 -14.28
CA HIS A 250 34.82 23.02 -14.84
C HIS A 250 33.54 22.66 -14.10
N PRO A 251 32.40 22.68 -14.82
CA PRO A 251 31.14 22.38 -14.12
C PRO A 251 31.15 21.10 -13.27
N PRO A 252 31.67 19.96 -13.78
CA PRO A 252 31.67 18.71 -13.00
C PRO A 252 32.47 18.77 -11.69
N GLN A 253 33.35 19.77 -11.56
CA GLN A 253 34.19 19.89 -10.36
C GLN A 253 33.54 20.75 -9.26
N ARG A 254 32.39 21.37 -9.58
CA ARG A 254 31.67 22.24 -8.63
C ARG A 254 31.03 21.41 -7.52
N LEU A 255 31.08 21.97 -6.31
CA LEU A 255 30.51 21.31 -5.14
C LEU A 255 29.02 21.09 -5.35
N PRO A 256 28.55 19.83 -5.25
CA PRO A 256 27.11 19.56 -5.40
C PRO A 256 26.28 20.26 -4.35
N LEU A 257 24.99 20.44 -4.62
CA LEU A 257 24.12 21.14 -3.69
C LEU A 257 24.04 20.46 -2.31
N LYS A 258 24.02 19.14 -2.31
CA LYS A 258 24.12 18.36 -1.06
C LYS A 258 25.41 18.73 -0.31
N GLY A 259 26.49 18.89 -1.07
CA GLY A 259 27.79 19.35 -0.53
C GLY A 259 27.76 20.72 0.12
N VAL A 260 27.00 21.65 -0.47
CA VAL A 260 26.80 22.96 0.12
C VAL A 260 26.09 22.84 1.48
N MET A 261 25.01 22.07 1.51
CA MET A 261 24.24 21.88 2.75
C MET A 261 25.07 21.24 3.86
N GLU A 262 26.00 20.39 3.47
CA GLU A 262 26.88 19.63 4.38
C GLU A 262 28.20 20.32 4.66
N HIS A 263 28.44 21.46 4.02
CA HIS A 263 29.73 22.13 4.17
C HIS A 263 29.91 22.61 5.62
N PRO A 264 31.10 22.38 6.22
CA PRO A 264 31.27 22.75 7.64
C PRO A 264 30.94 24.20 7.99
N TRP A 265 31.21 25.13 7.06
CA TRP A 265 30.93 26.54 7.32
C TRP A 265 29.41 26.78 7.36
N VAL A 266 28.69 26.09 6.49
CA VAL A 266 27.23 26.12 6.52
C VAL A 266 26.71 25.52 7.82
N LYS A 267 27.19 24.33 8.17
CA LYS A 267 26.78 23.69 9.43
C LYS A 267 27.07 24.57 10.67
N ALA A 268 28.24 25.19 10.71
CA ALA A 268 28.65 25.97 11.88
C ALA A 268 27.91 27.29 12.04
N ASN A 269 27.39 27.84 10.95
CA ASN A 269 26.87 29.21 10.98
C ASN A 269 25.39 29.38 10.68
N SER A 270 24.82 28.41 9.96
CA SER A 270 23.41 28.48 9.58
C SER A 270 22.48 28.37 10.78
N ARG A 271 21.43 29.18 10.77
CA ARG A 271 20.41 29.17 11.81
C ARG A 271 19.05 28.95 11.16
N ARG A 272 19.03 28.06 10.17
CA ARG A 272 17.84 27.83 9.37
C ARG A 272 16.70 27.25 10.20
N VAL A 273 15.49 27.76 9.98
CA VAL A 273 14.30 27.21 10.63
C VAL A 273 13.29 26.88 9.54
N LEU A 274 12.73 25.68 9.58
CA LEU A 274 11.69 25.28 8.63
C LEU A 274 10.36 25.84 9.11
N PRO A 275 9.59 26.49 8.19
CA PRO A 275 8.27 26.99 8.54
C PRO A 275 7.34 25.87 9.02
N PRO A 276 6.44 26.17 9.97
CA PRO A 276 5.41 25.20 10.34
C PRO A 276 4.58 24.76 9.13
N VAL A 277 4.24 23.48 9.06
CA VAL A 277 3.39 22.97 7.98
C VAL A 277 2.03 22.52 8.54
N TYR A 278 1.01 22.51 7.68
CA TYR A 278 -0.34 22.15 8.08
C TYR A 278 -0.39 20.75 8.71
N THR B 1 5.01 -68.55 9.34
CA THR B 1 5.76 -69.77 9.79
C THR B 1 6.58 -69.46 11.03
N ALA B 2 7.28 -70.47 11.53
CA ALA B 2 8.18 -70.32 12.67
C ALA B 2 9.43 -69.51 12.32
N LEU B 3 9.59 -69.16 11.04
CA LEU B 3 10.75 -68.43 10.57
C LEU B 3 10.39 -67.12 9.89
N ALA B 4 9.09 -66.89 9.73
CA ALA B 4 8.57 -65.67 9.09
C ALA B 4 8.97 -64.44 9.88
N GLU B 5 9.18 -63.34 9.17
CA GLU B 5 9.56 -62.08 9.80
C GLU B 5 8.49 -61.63 10.80
N MET B 6 8.95 -61.30 12.01
CA MET B 6 8.10 -60.82 13.08
C MET B 6 7.35 -59.55 12.66
N PRO B 7 6.02 -59.50 12.89
CA PRO B 7 5.25 -58.33 12.47
C PRO B 7 5.56 -57.11 13.34
N LYS B 8 5.58 -55.94 12.70
CA LYS B 8 5.82 -54.69 13.41
C LYS B 8 4.64 -54.35 14.31
N ARG B 9 4.91 -53.57 15.36
CA ARG B 9 3.86 -53.19 16.30
C ARG B 9 2.87 -52.23 15.64
N LYS B 10 1.61 -52.36 16.03
CA LYS B 10 0.57 -51.43 15.63
C LYS B 10 0.10 -50.75 16.91
N PHE B 11 -0.65 -49.66 16.78
CA PHE B 11 -1.28 -49.08 17.95
C PHE B 11 -2.35 -50.01 18.51
N THR B 12 -2.56 -49.92 19.82
CA THR B 12 -3.66 -50.60 20.48
C THR B 12 -4.36 -49.62 21.42
N ILE B 13 -5.51 -50.01 21.95
CA ILE B 13 -6.27 -49.16 22.88
C ILE B 13 -5.47 -48.78 24.15
N ASP B 14 -4.54 -49.65 24.55
CA ASP B 14 -3.71 -49.40 25.74
C ASP B 14 -2.69 -48.28 25.55
N ASP B 15 -2.55 -47.81 24.32
CA ASP B 15 -1.64 -46.71 24.03
C ASP B 15 -2.24 -45.34 24.32
N PHE B 16 -3.49 -45.31 24.79
CA PHE B 16 -4.22 -44.05 24.94
C PHE B 16 -4.87 -43.85 26.31
N ASP B 17 -4.77 -42.64 26.84
CA ASP B 17 -5.64 -42.18 27.93
C ASP B 17 -6.94 -41.74 27.27
N ILE B 18 -8.08 -42.24 27.74
CA ILE B 18 -9.36 -41.81 27.21
C ILE B 18 -9.94 -40.71 28.09
N GLY B 19 -10.23 -39.56 27.49
CA GLY B 19 -10.59 -38.36 28.24
C GLY B 19 -12.08 -38.15 28.41
N ARG B 20 -12.76 -37.91 27.29
CA ARG B 20 -14.19 -37.61 27.29
C ARG B 20 -14.77 -37.80 25.89
N PRO B 21 -16.04 -38.22 25.79
CA PRO B 21 -16.70 -38.25 24.49
C PRO B 21 -16.82 -36.86 23.87
N LEU B 22 -16.61 -36.76 22.57
CA LEU B 22 -16.76 -35.50 21.84
C LEU B 22 -18.13 -35.45 21.17
N GLY B 23 -18.75 -36.61 21.02
CA GLY B 23 -20.05 -36.75 20.38
C GLY B 23 -20.08 -37.94 19.43
N LYS B 24 -21.27 -38.32 19.00
CA LYS B 24 -21.41 -39.40 18.03
C LYS B 24 -21.09 -38.89 16.62
N GLY B 25 -20.08 -39.49 15.99
CA GLY B 25 -19.70 -39.12 14.63
C GLY B 25 -20.30 -40.09 13.64
N LYS B 26 -19.75 -40.11 12.43
CA LYS B 26 -20.18 -41.07 11.42
C LYS B 26 -19.76 -42.48 11.83
N PHE B 27 -20.75 -43.36 11.95
CA PHE B 27 -20.57 -44.80 12.21
C PHE B 27 -20.14 -45.17 13.65
N GLY B 28 -19.74 -44.18 14.44
CA GLY B 28 -19.33 -44.45 15.83
C GLY B 28 -19.05 -43.23 16.69
N ASN B 29 -18.82 -43.48 17.98
CA ASN B 29 -18.51 -42.41 18.93
C ASN B 29 -17.07 -41.94 18.80
N VAL B 30 -16.87 -40.63 18.96
CA VAL B 30 -15.54 -40.03 18.89
C VAL B 30 -15.14 -39.53 20.28
N TYR B 31 -13.98 -39.97 20.74
CA TYR B 31 -13.54 -39.65 22.09
C TYR B 31 -12.31 -38.76 22.03
N LEU B 32 -12.23 -37.81 22.96
CA LEU B 32 -10.98 -37.12 23.20
C LEU B 32 -10.04 -38.13 23.84
N ALA B 33 -8.81 -38.19 23.34
CA ALA B 33 -7.83 -39.16 23.81
C ALA B 33 -6.45 -38.53 23.83
N ARG B 34 -5.56 -39.10 24.62
CA ARG B 34 -4.17 -38.66 24.69
C ARG B 34 -3.29 -39.87 24.46
N GLU B 35 -2.48 -39.82 23.41
CA GLU B 35 -1.52 -40.88 23.14
C GLU B 35 -0.43 -40.80 24.21
N LYS B 36 -0.18 -41.91 24.90
CA LYS B 36 0.63 -41.91 26.12
C LYS B 36 2.11 -41.53 25.95
N GLN B 37 2.77 -42.11 24.95
CA GLN B 37 4.22 -41.92 24.80
C GLN B 37 4.63 -40.50 24.48
N ASN B 38 3.80 -39.80 23.71
CA ASN B 38 4.08 -38.41 23.34
C ASN B 38 3.20 -37.39 24.09
N LYS B 39 2.30 -37.89 24.93
CA LYS B 39 1.33 -37.07 25.67
C LYS B 39 0.57 -36.13 24.73
N PHE B 40 0.15 -36.70 23.59
CA PHE B 40 -0.37 -35.94 22.46
C PHE B 40 -1.87 -36.15 22.32
N ILE B 41 -2.61 -35.04 22.37
CA ILE B 41 -4.06 -35.07 22.38
C ILE B 41 -4.59 -35.22 20.96
N MET B 42 -5.53 -36.14 20.80
CA MET B 42 -6.14 -36.43 19.51
C MET B 42 -7.58 -36.91 19.72
N ALA B 43 -8.25 -37.28 18.65
CA ALA B 43 -9.58 -37.83 18.74
C ALA B 43 -9.50 -39.30 18.33
N LEU B 44 -10.27 -40.15 19.00
CA LEU B 44 -10.29 -41.56 18.68
C LEU B 44 -11.71 -41.95 18.31
N LYS B 45 -11.93 -42.29 17.04
CA LYS B 45 -13.25 -42.71 16.58
C LYS B 45 -13.35 -44.23 16.71
N VAL B 46 -14.33 -44.69 17.47
CA VAL B 46 -14.55 -46.11 17.71
C VAL B 46 -15.75 -46.60 16.91
N LEU B 47 -15.51 -47.58 16.05
CA LEU B 47 -16.55 -48.14 15.19
C LEU B 47 -16.73 -49.63 15.50
N PHE B 48 -17.96 -50.02 15.78
CA PHE B 48 -18.26 -51.42 16.07
C PHE B 48 -18.49 -52.19 14.77
N LYS B 49 -17.72 -53.26 14.57
CA LYS B 49 -17.71 -54.04 13.34
C LYS B 49 -19.07 -54.64 13.00
N SER B 50 -19.82 -55.03 14.03
CA SER B 50 -21.16 -55.60 13.86
C SER B 50 -22.16 -54.54 13.40
N GLN B 51 -21.97 -53.31 13.86
CA GLN B 51 -22.81 -52.18 13.46
C GLN B 51 -22.52 -51.74 12.03
N LEU B 52 -21.27 -51.90 11.60
CA LEU B 52 -20.86 -51.52 10.25
C LEU B 52 -21.43 -52.45 9.18
N GLU B 53 -21.37 -53.76 9.42
CA GLU B 53 -21.81 -54.75 8.44
C GLU B 53 -23.30 -54.67 8.05
N LYS B 54 -24.04 -53.80 8.75
CA LYS B 54 -25.41 -53.48 8.38
C LYS B 54 -25.59 -51.98 8.16
N VAL B 57 -21.90 -50.22 4.34
CA VAL B 57 -21.00 -49.29 5.00
C VAL B 57 -19.57 -49.85 5.08
N GLU B 58 -19.48 -51.18 5.18
CA GLU B 58 -18.22 -51.90 5.19
C GLU B 58 -17.28 -51.45 4.07
N HIS B 59 -17.79 -51.44 2.84
CA HIS B 59 -17.03 -51.02 1.66
C HIS B 59 -16.81 -49.51 1.63
N GLN B 60 -17.80 -48.76 2.12
CA GLN B 60 -17.72 -47.30 2.22
C GLN B 60 -16.64 -46.86 3.22
N LEU B 61 -16.56 -47.54 4.36
CA LEU B 61 -15.56 -47.25 5.38
C LEU B 61 -14.15 -47.49 4.84
N ARG B 62 -13.98 -48.61 4.12
CA ARG B 62 -12.68 -48.99 3.57
C ARG B 62 -12.14 -47.94 2.60
N ARG B 63 -13.01 -47.44 1.73
CA ARG B 63 -12.65 -46.40 0.77
C ARG B 63 -12.28 -45.11 1.52
N GLU B 64 -13.07 -44.76 2.53
CA GLU B 64 -12.87 -43.55 3.33
C GLU B 64 -11.52 -43.55 4.09
N ILE B 65 -11.20 -44.66 4.74
CA ILE B 65 -9.90 -44.83 5.41
C ILE B 65 -8.75 -44.77 4.40
N GLU B 66 -8.90 -45.49 3.29
CA GLU B 66 -7.91 -45.53 2.22
C GLU B 66 -7.54 -44.12 1.76
N ILE B 67 -8.54 -43.29 1.53
CA ILE B 67 -8.32 -41.93 1.06
C ILE B 67 -7.73 -41.03 2.15
N GLN B 68 -8.43 -40.90 3.27
CA GLN B 68 -8.05 -39.93 4.30
C GLN B 68 -6.68 -40.22 4.92
N SER B 69 -6.32 -41.50 5.02
CA SER B 69 -5.05 -41.90 5.64
C SER B 69 -3.82 -41.39 4.88
N HIS B 70 -4.00 -40.98 3.63
CA HIS B 70 -2.89 -40.54 2.79
C HIS B 70 -2.82 -39.02 2.58
N LEU B 71 -3.80 -38.29 3.10
CA LEU B 71 -3.83 -36.84 2.91
C LEU B 71 -3.19 -36.10 4.08
N ARG B 72 -2.20 -35.26 3.77
CA ARG B 72 -1.45 -34.50 4.76
C ARG B 72 -1.39 -33.03 4.34
N HIS B 73 -2.32 -32.24 4.89
CA HIS B 73 -2.46 -30.83 4.52
C HIS B 73 -3.03 -30.09 5.74
N PRO B 74 -2.58 -28.85 5.98
CA PRO B 74 -3.02 -28.13 7.18
C PRO B 74 -4.53 -27.86 7.27
N ASN B 75 -5.23 -27.96 6.15
CA ASN B 75 -6.68 -27.74 6.13
C ASN B 75 -7.48 -29.00 5.79
N ILE B 76 -6.84 -30.14 6.00
CA ILE B 76 -7.51 -31.44 5.92
C ILE B 76 -7.30 -32.13 7.27
N LEU B 77 -8.39 -32.62 7.87
CA LEU B 77 -8.29 -33.27 9.16
C LEU B 77 -7.45 -34.53 9.00
N ARG B 78 -6.34 -34.60 9.75
CA ARG B 78 -5.40 -35.70 9.63
C ARG B 78 -5.95 -36.99 10.23
N MET B 79 -5.75 -38.10 9.53
CA MET B 79 -5.90 -39.42 10.14
C MET B 79 -4.48 -39.93 10.38
N TYR B 80 -4.06 -39.92 11.64
CA TYR B 80 -2.68 -40.27 12.02
C TYR B 80 -2.34 -41.73 11.76
N ASN B 81 -3.28 -42.60 12.11
CA ASN B 81 -3.16 -44.03 11.93
C ASN B 81 -4.50 -44.67 12.32
N TYR B 82 -4.54 -46.00 12.31
CA TYR B 82 -5.73 -46.75 12.70
C TYR B 82 -5.33 -48.14 13.15
N PHE B 83 -6.24 -48.82 13.83
CA PHE B 83 -5.99 -50.16 14.35
C PHE B 83 -7.32 -50.84 14.67
N HIS B 84 -7.28 -52.12 15.00
CA HIS B 84 -8.52 -52.83 15.31
C HIS B 84 -8.34 -53.94 16.34
N ASP B 85 -9.45 -54.32 16.96
CA ASP B 85 -9.48 -55.54 17.75
C ASP B 85 -10.59 -56.45 17.24
N ARG B 86 -10.96 -57.45 18.05
CA ARG B 86 -11.98 -58.43 17.66
C ARG B 86 -13.30 -57.81 17.16
N LYS B 87 -13.76 -56.75 17.80
CA LYS B 87 -15.08 -56.18 17.46
C LYS B 87 -15.13 -54.69 17.14
N ARG B 88 -13.97 -54.02 17.18
CA ARG B 88 -13.94 -52.56 16.96
C ARG B 88 -12.82 -52.13 16.02
N ILE B 89 -13.11 -51.11 15.22
CA ILE B 89 -12.11 -50.43 14.39
C ILE B 89 -11.88 -49.07 15.02
N TYR B 90 -10.60 -48.69 15.18
CA TYR B 90 -10.25 -47.42 15.80
C TYR B 90 -9.53 -46.51 14.82
N LEU B 91 -10.03 -45.29 14.68
CA LEU B 91 -9.39 -44.29 13.82
C LEU B 91 -8.77 -43.19 14.69
N MET B 92 -7.47 -42.96 14.51
CA MET B 92 -6.76 -41.92 15.22
C MET B 92 -6.82 -40.63 14.40
N LEU B 93 -7.56 -39.66 14.90
CA LEU B 93 -7.82 -38.43 14.15
C LEU B 93 -7.32 -37.18 14.85
N GLU B 94 -6.94 -36.18 14.04
CA GLU B 94 -6.59 -34.86 14.52
C GLU B 94 -7.76 -34.29 15.31
N PHE B 95 -7.47 -33.77 16.50
CA PHE B 95 -8.47 -33.05 17.27
C PHE B 95 -8.60 -31.62 16.72
N ALA B 96 -9.83 -31.21 16.44
CA ALA B 96 -10.14 -29.84 16.01
C ALA B 96 -10.71 -29.06 17.19
N PRO B 97 -9.86 -28.27 17.87
CA PRO B 97 -10.23 -27.63 19.15
C PRO B 97 -11.46 -26.72 19.10
N ARG B 98 -11.70 -26.07 17.97
CA ARG B 98 -12.81 -25.13 17.86
C ARG B 98 -14.11 -25.77 17.34
N GLY B 99 -14.06 -27.06 17.04
CA GLY B 99 -15.26 -27.85 16.78
C GLY B 99 -15.92 -27.68 15.42
N GLU B 100 -17.24 -27.87 15.40
CA GLU B 100 -18.01 -27.90 14.16
C GLU B 100 -18.23 -26.52 13.58
N LEU B 101 -17.86 -26.36 12.31
CA LEU B 101 -18.06 -25.08 11.62
C LEU B 101 -19.54 -24.72 11.50
N TYR B 102 -20.39 -25.73 11.30
CA TYR B 102 -21.81 -25.47 11.05
C TYR B 102 -22.49 -24.88 12.29
N LYS B 103 -22.03 -25.25 13.48
CA LYS B 103 -22.55 -24.70 14.73
C LYS B 103 -22.12 -23.23 14.89
N GLU B 104 -20.93 -22.92 14.41
CA GLU B 104 -20.43 -21.53 14.42
C GLU B 104 -21.23 -20.66 13.44
N LEU B 105 -21.56 -21.21 12.28
CA LEU B 105 -22.42 -20.51 11.32
C LEU B 105 -23.82 -20.27 11.90
N GLN B 106 -24.38 -21.30 12.54
CA GLN B 106 -25.69 -21.19 13.21
C GLN B 106 -25.68 -20.08 14.25
N LYS B 107 -24.63 -20.08 15.07
CA LYS B 107 -24.45 -19.10 16.14
C LYS B 107 -24.42 -17.66 15.63
N HIS B 108 -23.70 -17.44 14.53
CA HIS B 108 -23.46 -16.11 13.99
C HIS B 108 -24.47 -15.67 12.94
N GLY B 109 -25.22 -16.63 12.38
CA GLY B 109 -26.16 -16.36 11.29
C GLY B 109 -25.45 -16.32 9.95
N ARG B 110 -24.46 -15.45 9.81
CA ARG B 110 -23.59 -15.41 8.63
C ARG B 110 -22.19 -14.97 9.05
N PHE B 111 -21.18 -15.34 8.27
CA PHE B 111 -19.80 -14.90 8.54
C PHE B 111 -19.50 -13.60 7.83
N ASP B 112 -18.62 -12.79 8.39
CA ASP B 112 -18.15 -11.57 7.72
C ASP B 112 -17.24 -11.91 6.55
N GLU B 113 -16.85 -10.90 5.77
CA GLU B 113 -16.08 -11.12 4.55
C GLU B 113 -14.69 -11.68 4.82
N GLN B 114 -14.07 -11.24 5.91
CA GLN B 114 -12.73 -11.72 6.26
C GLN B 114 -12.75 -13.20 6.66
N ARG B 115 -13.68 -13.57 7.54
CA ARG B 115 -13.86 -14.96 7.93
C ARG B 115 -14.15 -15.85 6.72
N SER B 116 -15.06 -15.39 5.86
CA SER B 116 -15.45 -16.15 4.67
C SER B 116 -14.30 -16.29 3.66
N ALA B 117 -13.62 -15.19 3.35
CA ALA B 117 -12.54 -15.25 2.36
C ALA B 117 -11.40 -16.13 2.85
N THR B 118 -11.15 -16.09 4.16
CA THR B 118 -10.12 -16.94 4.76
C THR B 118 -10.47 -18.42 4.57
N PHE B 119 -11.71 -18.79 4.90
CA PHE B 119 -12.19 -20.16 4.70
C PHE B 119 -12.07 -20.59 3.24
N MET B 120 -12.42 -19.69 2.33
CA MET B 120 -12.36 -19.97 0.89
C MET B 120 -10.93 -20.24 0.41
N GLU B 121 -9.97 -19.46 0.91
CA GLU B 121 -8.57 -19.68 0.56
C GLU B 121 -8.10 -21.04 1.07
N GLU B 122 -8.44 -21.34 2.33
CA GLU B 122 -8.12 -22.63 2.94
C GLU B 122 -8.76 -23.80 2.20
N LEU B 123 -10.05 -23.68 1.91
CA LEU B 123 -10.78 -24.71 1.18
C LEU B 123 -10.16 -24.98 -0.19
N ALA B 124 -9.89 -23.93 -0.94
CA ALA B 124 -9.39 -24.08 -2.31
C ALA B 124 -8.00 -24.74 -2.31
N ASP B 125 -7.18 -24.38 -1.31
CA ASP B 125 -5.84 -24.97 -1.13
C ASP B 125 -5.97 -26.48 -0.88
N ALA B 126 -6.79 -26.86 0.11
CA ALA B 126 -7.05 -28.27 0.43
C ALA B 126 -7.61 -29.05 -0.75
N LEU B 127 -8.60 -28.47 -1.46
CA LEU B 127 -9.19 -29.15 -2.61
C LEU B 127 -8.18 -29.33 -3.74
N HIS B 128 -7.34 -28.32 -3.95
CA HIS B 128 -6.30 -28.41 -4.98
C HIS B 128 -5.36 -29.58 -4.67
N TYR B 129 -4.96 -29.68 -3.40
CA TYR B 129 -4.17 -30.80 -2.90
C TYR B 129 -4.85 -32.15 -3.19
N CYS B 130 -6.14 -32.26 -2.88
CA CYS B 130 -6.91 -33.47 -3.18
C CYS B 130 -6.93 -33.78 -4.67
N HIS B 131 -7.20 -32.76 -5.49
CA HIS B 131 -7.36 -32.96 -6.93
C HIS B 131 -6.05 -33.38 -7.59
N GLU B 132 -4.94 -32.88 -7.06
CA GLU B 132 -3.60 -33.28 -7.54
C GLU B 132 -3.39 -34.79 -7.40
N ARG B 133 -4.04 -35.37 -6.40
CA ARG B 133 -3.95 -36.79 -6.08
C ARG B 133 -5.13 -37.58 -6.65
N LYS B 134 -5.88 -36.92 -7.54
CA LYS B 134 -7.07 -37.50 -8.18
C LYS B 134 -8.13 -37.90 -7.16
N VAL B 135 -8.20 -37.19 -6.04
CA VAL B 135 -9.25 -37.40 -5.06
C VAL B 135 -10.30 -36.32 -5.22
N ILE B 136 -11.54 -36.73 -5.48
CA ILE B 136 -12.68 -35.80 -5.51
C ILE B 136 -13.45 -35.94 -4.20
N HIS B 137 -13.78 -34.82 -3.56
CA HIS B 137 -14.44 -34.89 -2.24
C HIS B 137 -15.92 -35.24 -2.33
N ARG B 138 -16.64 -34.46 -3.14
CA ARG B 138 -18.04 -34.70 -3.50
C ARG B 138 -19.09 -34.36 -2.45
N ASP B 139 -18.67 -33.85 -1.28
CA ASP B 139 -19.66 -33.48 -0.26
C ASP B 139 -19.21 -32.31 0.60
N ILE B 140 -18.60 -31.31 -0.03
CA ILE B 140 -18.24 -30.10 0.68
C ILE B 140 -19.53 -29.37 1.10
N LYS B 141 -19.63 -29.12 2.40
CA LYS B 141 -20.78 -28.44 3.03
C LYS B 141 -20.37 -28.11 4.47
N PRO B 142 -21.07 -27.17 5.13
CA PRO B 142 -20.66 -26.75 6.47
C PRO B 142 -20.51 -27.90 7.48
N GLU B 143 -21.41 -28.87 7.44
CA GLU B 143 -21.41 -30.00 8.39
C GLU B 143 -20.19 -30.92 8.27
N ASN B 144 -19.46 -30.82 7.16
CA ASN B 144 -18.29 -31.67 6.94
C ASN B 144 -16.99 -30.93 7.22
N LEU B 145 -17.10 -29.76 7.85
CA LEU B 145 -15.94 -28.93 8.13
C LEU B 145 -15.80 -28.69 9.63
N LEU B 146 -14.56 -28.82 10.11
CA LEU B 146 -14.23 -28.52 11.50
C LEU B 146 -13.26 -27.35 11.56
N MET B 147 -12.97 -26.87 12.77
CA MET B 147 -12.08 -25.73 12.93
C MET B 147 -10.92 -26.00 13.87
N GLY B 148 -9.73 -25.61 13.43
CA GLY B 148 -8.49 -25.74 14.20
C GLY B 148 -8.38 -24.73 15.34
N TYR B 149 -7.24 -24.77 16.03
CA TYR B 149 -7.03 -23.93 17.22
C TYR B 149 -7.16 -22.43 16.95
N LYS B 150 -6.65 -21.98 15.81
CA LYS B 150 -6.79 -20.58 15.40
C LYS B 150 -7.92 -20.42 14.39
N GLY B 151 -8.83 -21.39 14.36
CA GLY B 151 -10.02 -21.32 13.53
C GLY B 151 -9.81 -21.76 12.09
N GLU B 152 -8.65 -22.32 11.79
CA GLU B 152 -8.36 -22.80 10.43
C GLU B 152 -9.36 -23.86 10.00
N LEU B 153 -9.84 -23.75 8.75
CA LEU B 153 -10.76 -24.74 8.18
C LEU B 153 -10.09 -26.12 8.13
N LYS B 154 -10.85 -27.14 8.47
CA LYS B 154 -10.43 -28.54 8.32
C LYS B 154 -11.49 -29.36 7.61
N ILE B 155 -11.19 -29.87 6.42
CA ILE B 155 -12.08 -30.83 5.75
C ILE B 155 -12.04 -32.12 6.57
N ALA B 156 -13.20 -32.53 7.07
CA ALA B 156 -13.23 -33.54 8.14
C ALA B 156 -13.89 -34.87 7.80
N ASP B 157 -14.78 -34.86 6.82
CA ASP B 157 -15.52 -36.07 6.47
C ASP B 157 -15.32 -36.40 5.01
N PHE B 158 -14.83 -37.60 4.73
CA PHE B 158 -14.52 -38.03 3.37
C PHE B 158 -15.41 -39.21 2.93
N GLY B 159 -16.62 -39.25 3.49
CA GLY B 159 -17.53 -40.38 3.32
C GLY B 159 -18.07 -40.58 1.91
N TRP B 160 -18.01 -39.56 1.06
CA TRP B 160 -18.39 -39.71 -0.34
C TRP B 160 -17.25 -39.44 -1.32
N SER B 161 -16.04 -39.30 -0.78
CA SER B 161 -14.86 -39.03 -1.57
C SER B 161 -14.47 -40.26 -2.36
N VAL B 162 -13.76 -40.04 -3.46
CA VAL B 162 -13.33 -41.15 -4.31
C VAL B 162 -11.98 -40.83 -4.94
N HIS B 163 -11.13 -41.84 -5.03
CA HIS B 163 -9.93 -41.75 -5.85
C HIS B 163 -10.32 -42.15 -7.27
N ALA B 164 -10.24 -41.18 -8.18
CA ALA B 164 -10.71 -41.32 -9.55
C ALA B 164 -9.58 -41.05 -10.54
N PRO B 165 -8.76 -42.07 -10.83
CA PRO B 165 -7.63 -41.90 -11.74
C PRO B 165 -8.02 -41.31 -13.09
N SER B 166 -9.21 -41.67 -13.62
CA SER B 166 -9.70 -41.11 -14.88
C SER B 166 -10.55 -39.84 -14.70
N LEU B 167 -10.83 -39.50 -13.45
CA LEU B 167 -11.66 -38.34 -13.08
C LEU B 167 -13.03 -38.34 -13.77
N ARG B 168 -13.66 -39.50 -13.84
CA ARG B 168 -15.02 -39.63 -14.36
C ARG B 168 -15.77 -40.65 -13.53
N ARG B 169 -16.80 -40.20 -12.83
CA ARG B 169 -17.55 -41.05 -11.92
C ARG B 169 -19.04 -40.85 -12.14
N ARG B 170 -19.84 -41.78 -11.65
CA ARG B 170 -21.29 -41.71 -11.83
C ARG B 170 -22.13 -41.91 -10.57
N MET B 172 -24.28 -41.12 -7.56
CA MET B 172 -25.12 -40.05 -7.07
C MET B 172 -24.84 -39.86 -5.58
N CYS B 173 -24.19 -38.74 -5.24
CA CYS B 173 -23.86 -38.46 -3.86
C CYS B 173 -23.72 -36.97 -3.60
N GLY B 174 -23.73 -36.62 -2.33
CA GLY B 174 -23.60 -35.24 -1.90
C GLY B 174 -24.76 -34.89 -1.00
N THR B 175 -25.17 -33.62 -1.06
CA THR B 175 -26.25 -33.13 -0.23
C THR B 175 -27.13 -32.21 -1.08
N LEU B 176 -28.45 -32.34 -0.95
CA LEU B 176 -29.39 -31.73 -1.88
C LEU B 176 -29.08 -30.28 -2.26
N ASP B 177 -28.96 -29.40 -1.27
CA ASP B 177 -28.76 -27.97 -1.54
C ASP B 177 -27.44 -27.67 -2.25
N TYR B 178 -26.51 -28.60 -2.15
CA TYR B 178 -25.15 -28.42 -2.65
C TYR B 178 -24.89 -29.13 -4.00
N LEU B 179 -25.86 -29.91 -4.46
CA LEU B 179 -25.64 -30.75 -5.65
C LEU B 179 -25.35 -29.92 -6.90
N PRO B 180 -24.22 -30.19 -7.57
CA PRO B 180 -23.99 -29.61 -8.90
C PRO B 180 -25.06 -30.08 -9.89
N PRO B 181 -25.36 -29.26 -10.93
CA PRO B 181 -26.38 -29.68 -11.91
C PRO B 181 -26.10 -31.07 -12.50
N GLU B 182 -24.85 -31.39 -12.79
CA GLU B 182 -24.51 -32.68 -13.38
C GLU B 182 -24.80 -33.84 -12.42
N MET B 183 -24.66 -33.61 -11.12
CA MET B 183 -25.04 -34.60 -10.13
C MET B 183 -26.54 -34.82 -10.08
N ILE B 184 -27.30 -33.75 -9.93
CA ILE B 184 -28.75 -33.89 -9.81
C ILE B 184 -29.39 -34.40 -11.10
N GLU B 185 -28.73 -34.15 -12.23
CA GLU B 185 -29.21 -34.61 -13.55
C GLU B 185 -28.68 -36.00 -13.93
N GLY B 186 -27.87 -36.59 -13.06
CA GLY B 186 -27.38 -37.98 -13.23
C GLY B 186 -26.38 -38.16 -14.35
N LYS B 187 -25.63 -37.11 -14.63
CA LYS B 187 -24.62 -37.16 -15.68
C LYS B 187 -23.28 -37.56 -15.10
N THR B 188 -22.39 -38.09 -15.94
CA THR B 188 -21.03 -38.37 -15.51
C THR B 188 -20.36 -37.08 -15.01
N HIS B 189 -19.71 -37.17 -13.85
CA HIS B 189 -19.10 -36.01 -13.22
C HIS B 189 -17.61 -36.18 -13.02
N ASP B 190 -16.93 -35.07 -12.77
CA ASP B 190 -15.48 -35.08 -12.53
C ASP B 190 -15.17 -34.23 -11.30
N GLU B 191 -13.89 -33.86 -11.15
CA GLU B 191 -13.44 -33.10 -9.99
C GLU B 191 -14.09 -31.71 -9.87
N LYS B 192 -14.68 -31.22 -10.96
CA LYS B 192 -15.26 -29.88 -10.97
C LYS B 192 -16.55 -29.80 -10.14
N VAL B 193 -17.07 -30.96 -9.71
CA VAL B 193 -18.15 -30.94 -8.73
C VAL B 193 -17.75 -30.18 -7.47
N ASP B 194 -16.48 -30.30 -7.07
CA ASP B 194 -15.99 -29.63 -5.87
C ASP B 194 -15.94 -28.11 -6.05
N LEU B 195 -15.73 -27.64 -7.29
CA LEU B 195 -15.72 -26.21 -7.57
C LEU B 195 -17.11 -25.60 -7.37
N TRP B 196 -18.12 -26.30 -7.88
CA TRP B 196 -19.52 -25.91 -7.68
C TRP B 196 -19.81 -25.85 -6.18
N CYS B 197 -19.54 -26.94 -5.46
CA CYS B 197 -19.81 -26.97 -4.02
C CYS B 197 -19.09 -25.87 -3.23
N ALA B 198 -17.87 -25.54 -3.64
CA ALA B 198 -17.12 -24.40 -3.07
C ALA B 198 -17.88 -23.08 -3.23
N GLY B 199 -18.49 -22.90 -4.39
CA GLY B 199 -19.30 -21.70 -4.66
C GLY B 199 -20.54 -21.65 -3.78
N VAL B 200 -21.20 -22.79 -3.61
CA VAL B 200 -22.40 -22.88 -2.76
C VAL B 200 -21.99 -22.57 -1.32
N LEU B 201 -20.85 -23.12 -0.90
CA LEU B 201 -20.32 -22.89 0.45
C LEU B 201 -20.03 -21.40 0.70
N CYS B 202 -19.37 -20.77 -0.27
CA CYS B 202 -19.08 -19.34 -0.16
C CYS B 202 -20.36 -18.54 0.04
N TYR B 203 -21.36 -18.84 -0.77
CA TYR B 203 -22.66 -18.20 -0.66
C TYR B 203 -23.23 -18.39 0.74
N GLU B 204 -23.34 -19.64 1.19
CA GLU B 204 -23.94 -19.90 2.50
C GLU B 204 -23.18 -19.23 3.66
N PHE B 205 -21.85 -19.24 3.61
CA PHE B 205 -21.05 -18.51 4.58
C PHE B 205 -21.48 -17.04 4.71
N LEU B 206 -21.63 -16.37 3.56
CA LEU B 206 -21.85 -14.93 3.52
C LEU B 206 -23.33 -14.56 3.67
N VAL B 207 -24.20 -15.49 3.30
CA VAL B 207 -25.63 -15.22 3.23
C VAL B 207 -26.39 -15.83 4.41
N GLY B 208 -25.93 -16.99 4.87
CA GLY B 208 -26.57 -17.68 6.00
C GLY B 208 -27.58 -18.75 5.61
N MET B 209 -27.86 -18.86 4.32
CA MET B 209 -28.68 -19.94 3.77
C MET B 209 -28.10 -20.35 2.42
N PRO B 210 -28.33 -21.60 1.98
CA PRO B 210 -27.88 -21.99 0.64
C PRO B 210 -28.66 -21.26 -0.47
N PRO B 211 -28.04 -21.09 -1.65
CA PRO B 211 -28.58 -20.25 -2.71
C PRO B 211 -29.88 -20.72 -3.37
N PHE B 212 -30.13 -22.02 -3.35
CA PHE B 212 -31.27 -22.56 -4.09
C PHE B 212 -32.34 -23.16 -3.16
N ASP B 213 -32.27 -22.80 -1.89
CA ASP B 213 -33.28 -23.20 -0.89
C ASP B 213 -34.67 -22.85 -1.40
N SER B 214 -35.61 -23.78 -1.24
N SER B 214 -35.60 -23.79 -1.24
CA SER B 214 -36.98 -23.60 -1.68
CA SER B 214 -36.97 -23.65 -1.72
C SER B 214 -37.91 -24.52 -0.90
C SER B 214 -37.91 -24.52 -0.89
N PRO B 215 -39.23 -24.18 -0.86
CA PRO B 215 -40.19 -25.02 -0.15
C PRO B 215 -40.26 -26.47 -0.67
N SER B 216 -40.20 -26.62 -2.00
CA SER B 216 -40.38 -27.94 -2.62
C SER B 216 -39.10 -28.46 -3.24
N HIS B 217 -39.00 -29.78 -3.34
CA HIS B 217 -37.87 -30.37 -4.06
C HIS B 217 -37.84 -29.93 -5.51
N THR B 218 -39.00 -29.95 -6.16
CA THR B 218 -39.11 -29.62 -7.57
C THR B 218 -38.54 -28.22 -7.86
N GLU B 219 -38.80 -27.27 -6.96
CA GLU B 219 -38.30 -25.90 -7.13
C GLU B 219 -36.80 -25.84 -6.88
N THR B 220 -36.32 -26.53 -5.85
CA THR B 220 -34.87 -26.59 -5.60
C THR B 220 -34.13 -27.17 -6.81
N HIS B 221 -34.61 -28.31 -7.31
CA HIS B 221 -34.05 -28.93 -8.53
C HIS B 221 -34.01 -27.91 -9.68
N ARG B 222 -35.16 -27.28 -9.94
CA ARG B 222 -35.28 -26.28 -11.01
C ARG B 222 -34.27 -25.15 -10.81
N ARG B 223 -34.12 -24.67 -9.59
CA ARG B 223 -33.23 -23.54 -9.34
C ARG B 223 -31.77 -23.94 -9.53
N ILE B 224 -31.43 -25.16 -9.13
CA ILE B 224 -30.06 -25.67 -9.33
C ILE B 224 -29.71 -25.77 -10.82
N VAL B 225 -30.54 -26.48 -11.59
CA VAL B 225 -30.21 -26.75 -12.99
C VAL B 225 -30.29 -25.50 -13.86
N ASN B 226 -31.05 -24.50 -13.39
CA ASN B 226 -31.13 -23.22 -14.08
C ASN B 226 -30.24 -22.12 -13.47
N VAL B 227 -29.44 -22.50 -12.46
CA VAL B 227 -28.55 -21.59 -11.73
C VAL B 227 -29.29 -20.29 -11.38
N ASP B 228 -30.42 -20.45 -10.72
CA ASP B 228 -31.31 -19.34 -10.41
C ASP B 228 -30.84 -18.57 -9.16
N LEU B 229 -29.75 -17.83 -9.30
CA LEU B 229 -29.18 -17.05 -8.20
C LEU B 229 -29.96 -15.78 -7.88
N LYS B 230 -30.27 -15.59 -6.60
CA LYS B 230 -30.89 -14.35 -6.11
C LYS B 230 -29.99 -13.78 -5.02
N PHE B 231 -28.91 -13.12 -5.43
CA PHE B 231 -27.94 -12.56 -4.48
C PHE B 231 -28.61 -11.52 -3.60
N PRO B 232 -28.53 -11.66 -2.27
CA PRO B 232 -28.99 -10.57 -1.40
C PRO B 232 -28.26 -9.25 -1.62
N PRO B 233 -28.97 -8.12 -1.45
CA PRO B 233 -28.37 -6.80 -1.60
C PRO B 233 -27.19 -6.48 -0.67
N PHE B 234 -27.03 -7.25 0.42
CA PHE B 234 -25.97 -6.96 1.38
C PHE B 234 -24.61 -7.53 1.00
N LEU B 235 -24.56 -8.35 -0.04
CA LEU B 235 -23.28 -8.90 -0.52
C LEU B 235 -22.46 -7.89 -1.29
N SER B 236 -21.15 -7.92 -1.08
CA SER B 236 -20.21 -7.08 -1.84
C SER B 236 -20.09 -7.50 -3.30
N ASP B 237 -19.65 -6.57 -4.15
CA ASP B 237 -19.37 -6.88 -5.54
C ASP B 237 -18.35 -8.00 -5.65
N GLY B 238 -17.30 -7.96 -4.82
CA GLY B 238 -16.23 -8.95 -4.85
C GLY B 238 -16.73 -10.38 -4.61
N SER B 239 -17.52 -10.55 -3.57
CA SER B 239 -18.05 -11.87 -3.21
C SER B 239 -19.00 -12.40 -4.29
N LYS B 240 -19.86 -11.53 -4.83
CA LYS B 240 -20.77 -11.96 -5.88
C LYS B 240 -19.99 -12.38 -7.12
N ASP B 241 -18.90 -11.67 -7.42
CA ASP B 241 -18.06 -12.01 -8.56
C ASP B 241 -17.51 -13.43 -8.41
N LEU B 242 -16.91 -13.71 -7.26
CA LEU B 242 -16.35 -15.03 -6.99
C LEU B 242 -17.40 -16.13 -7.10
N ILE B 243 -18.53 -15.95 -6.41
CA ILE B 243 -19.60 -16.96 -6.44
C ILE B 243 -20.12 -17.17 -7.87
N SER B 244 -20.35 -16.09 -8.60
N SER B 244 -20.37 -16.08 -8.60
CA SER B 244 -20.87 -16.15 -9.98
CA SER B 244 -20.88 -16.17 -9.96
C SER B 244 -19.91 -16.80 -10.96
C SER B 244 -19.93 -16.97 -10.85
N LYS B 245 -18.63 -16.87 -10.58
CA LYS B 245 -17.61 -17.54 -11.39
C LYS B 245 -17.47 -19.03 -11.06
N LEU B 246 -17.89 -19.40 -9.84
CA LEU B 246 -17.86 -20.80 -9.42
C LEU B 246 -19.13 -21.55 -9.80
N LEU B 247 -20.27 -20.90 -9.62
CA LEU B 247 -21.56 -21.53 -9.86
C LEU B 247 -21.95 -21.43 -11.35
N ARG B 248 -21.18 -22.12 -12.19
CA ARG B 248 -21.49 -22.24 -13.62
C ARG B 248 -22.10 -23.60 -13.91
N TYR B 249 -23.15 -23.60 -14.73
CA TYR B 249 -23.77 -24.87 -15.17
C TYR B 249 -22.77 -25.80 -15.87
N HIS B 250 -22.01 -25.24 -16.80
CA HIS B 250 -21.07 -26.00 -17.62
C HIS B 250 -19.78 -26.15 -16.80
N PRO B 251 -19.47 -27.38 -16.36
CA PRO B 251 -18.33 -27.56 -15.45
C PRO B 251 -17.00 -26.90 -15.87
N PRO B 252 -16.57 -27.05 -17.15
CA PRO B 252 -15.28 -26.47 -17.55
C PRO B 252 -15.19 -24.94 -17.44
N GLN B 253 -16.34 -24.27 -17.33
CA GLN B 253 -16.37 -22.83 -17.14
C GLN B 253 -16.05 -22.39 -15.72
N ARG B 254 -16.11 -23.32 -14.78
CA ARG B 254 -15.96 -22.97 -13.36
C ARG B 254 -14.56 -22.45 -13.06
N LEU B 255 -14.49 -21.37 -12.30
CA LEU B 255 -13.20 -20.81 -11.89
C LEU B 255 -12.33 -21.90 -11.23
N PRO B 256 -11.11 -22.13 -11.78
CA PRO B 256 -10.23 -23.12 -11.12
C PRO B 256 -9.86 -22.74 -9.69
N LEU B 257 -9.49 -23.73 -8.92
CA LEU B 257 -9.06 -23.52 -7.52
C LEU B 257 -7.94 -22.50 -7.37
N LYS B 258 -6.95 -22.55 -8.26
CA LYS B 258 -5.90 -21.51 -8.27
C LYS B 258 -6.50 -20.11 -8.48
N GLY B 259 -7.52 -20.04 -9.34
CA GLY B 259 -8.26 -18.79 -9.59
C GLY B 259 -9.00 -18.29 -8.36
N VAL B 260 -9.50 -19.22 -7.54
CA VAL B 260 -10.11 -18.86 -6.27
C VAL B 260 -9.07 -18.23 -5.34
N MET B 261 -7.93 -18.89 -5.17
CA MET B 261 -6.91 -18.43 -4.24
C MET B 261 -6.35 -17.07 -4.65
N GLU B 262 -6.35 -16.79 -5.96
CA GLU B 262 -5.84 -15.53 -6.51
C GLU B 262 -6.92 -14.48 -6.79
N HIS B 263 -8.17 -14.80 -6.49
CA HIS B 263 -9.29 -13.88 -6.74
C HIS B 263 -9.09 -12.60 -5.91
N PRO B 264 -9.28 -11.42 -6.53
CA PRO B 264 -9.03 -10.15 -5.82
C PRO B 264 -9.75 -10.06 -4.47
N TRP B 265 -10.97 -10.58 -4.39
CA TRP B 265 -11.73 -10.54 -3.15
C TRP B 265 -11.13 -11.44 -2.07
N VAL B 266 -10.67 -12.63 -2.47
CA VAL B 266 -9.98 -13.53 -1.54
C VAL B 266 -8.66 -12.90 -1.07
N LYS B 267 -7.88 -12.39 -2.01
CA LYS B 267 -6.61 -11.74 -1.66
C LYS B 267 -6.77 -10.57 -0.69
N ALA B 268 -7.78 -9.73 -0.92
CA ALA B 268 -8.00 -8.53 -0.11
C ALA B 268 -8.50 -8.84 1.30
N ASN B 269 -9.26 -9.92 1.43
CA ASN B 269 -9.99 -10.21 2.68
C ASN B 269 -9.50 -11.39 3.51
N SER B 270 -8.74 -12.30 2.89
CA SER B 270 -8.22 -13.45 3.63
C SER B 270 -7.24 -13.02 4.73
N ARG B 271 -7.43 -13.59 5.92
CA ARG B 271 -6.52 -13.41 7.05
C ARG B 271 -5.99 -14.78 7.49
N ARG B 272 -5.67 -15.61 6.49
CA ARG B 272 -5.22 -16.98 6.74
C ARG B 272 -3.91 -17.05 7.53
N VAL B 273 -3.89 -17.98 8.48
CA VAL B 273 -2.69 -18.32 9.24
C VAL B 273 -2.39 -19.79 9.02
N LEU B 274 -1.11 -20.11 8.88
CA LEU B 274 -0.68 -21.50 8.78
C LEU B 274 -0.31 -21.99 10.17
N PRO B 275 -0.64 -23.25 10.50
CA PRO B 275 -0.22 -23.81 11.79
C PRO B 275 1.30 -23.72 11.94
N PRO B 276 1.78 -23.40 13.17
CA PRO B 276 3.20 -23.20 13.45
C PRO B 276 4.07 -24.35 12.98
N VAL B 277 5.30 -24.02 12.59
CA VAL B 277 6.30 -25.04 12.25
C VAL B 277 7.00 -25.47 13.53
N TYR B 278 7.95 -26.40 13.40
CA TYR B 278 8.66 -26.93 14.56
C TYR B 278 9.54 -25.88 15.23
N GLN B 279 9.55 -25.91 16.56
CA GLN B 279 10.37 -25.01 17.36
C GLN B 279 11.52 -25.78 18.00
N SER B 280 11.24 -27.03 18.33
CA SER B 280 12.20 -27.91 18.99
C SER B 280 12.07 -29.33 18.44
N PRO C 1 -15.54 -38.92 37.63
CA PRO C 1 -15.44 -37.70 36.83
C PRO C 1 -14.52 -37.86 35.62
N ILE C 2 -14.43 -36.83 34.80
CA ILE C 2 -13.51 -36.85 33.65
C ILE C 2 -12.07 -36.62 34.13
N PRO C 3 -11.09 -37.30 33.50
CA PRO C 3 -9.68 -37.15 33.88
C PRO C 3 -9.24 -35.69 33.88
N ALA C 4 -8.38 -35.32 34.82
CA ALA C 4 -7.91 -33.95 34.99
C ALA C 4 -7.35 -33.32 33.71
N TRP C 5 -6.64 -34.12 32.92
CA TRP C 5 -6.01 -33.60 31.70
C TRP C 5 -7.05 -33.19 30.66
N ALA C 6 -8.24 -33.78 30.76
CA ALA C 6 -9.34 -33.51 29.83
C ALA C 6 -10.29 -32.42 30.34
N SER C 7 -10.06 -31.94 31.56
N SER C 7 -10.05 -31.94 31.56
CA SER C 7 -10.89 -30.89 32.14
CA SER C 7 -10.88 -30.88 32.16
C SER C 7 -10.65 -29.56 31.44
C SER C 7 -10.65 -29.56 31.46
N GLY C 8 -11.74 -28.85 31.18
CA GLY C 8 -11.71 -27.57 30.44
C GLY C 8 -10.46 -26.71 30.55
N ASN C 9 -10.13 -26.30 31.78
CA ASN C 9 -8.99 -25.41 31.99
C ASN C 9 -7.63 -26.03 31.70
N LEU C 10 -7.44 -27.29 32.07
CA LEU C 10 -6.17 -27.98 31.80
C LEU C 10 -6.04 -28.28 30.31
N LEU C 11 -7.16 -28.68 29.70
CA LEU C 11 -7.21 -29.00 28.28
C LEU C 11 -6.79 -27.82 27.40
N THR C 12 -7.33 -26.64 27.70
CA THR C 12 -7.05 -25.42 26.95
C THR C 12 -5.54 -25.14 26.87
N GLN C 13 -4.87 -25.20 28.02
CA GLN C 13 -3.44 -24.95 28.12
C GLN C 13 -2.64 -25.99 27.33
N ALA C 14 -3.03 -27.25 27.45
CA ALA C 14 -2.33 -28.35 26.78
C ALA C 14 -2.48 -28.29 25.26
N ILE C 15 -3.70 -27.96 24.80
CA ILE C 15 -3.97 -27.78 23.38
C ILE C 15 -3.12 -26.64 22.80
N ARG C 16 -3.06 -25.53 23.52
CA ARG C 16 -2.25 -24.39 23.11
C ARG C 16 -0.77 -24.74 22.96
N GLN C 17 -0.22 -25.47 23.93
CA GLN C 17 1.18 -25.88 23.88
C GLN C 17 1.45 -26.80 22.70
N GLN C 18 0.49 -27.70 22.45
CA GLN C 18 0.57 -28.66 21.35
C GLN C 18 0.57 -27.95 19.99
N TYR C 19 -0.23 -26.89 19.90
CA TYR C 19 -0.33 -26.07 18.69
C TYR C 19 0.96 -25.30 18.40
N TYR C 20 1.51 -24.67 19.41
CA TYR C 20 2.71 -23.85 19.25
C TYR C 20 4.03 -24.62 19.32
N LYS C 21 4.00 -25.79 19.94
CA LYS C 21 5.17 -26.67 19.99
C LYS C 21 4.78 -28.02 19.39
N PRO C 22 4.61 -28.06 18.04
CA PRO C 22 4.15 -29.30 17.42
C PRO C 22 5.21 -30.40 17.43
N ILE C 23 4.76 -31.64 17.51
CA ILE C 23 5.62 -32.82 17.35
C ILE C 23 5.55 -33.32 15.92
N ASP C 24 6.56 -34.08 15.50
CA ASP C 24 6.60 -34.67 14.17
C ASP C 24 5.68 -35.89 14.11
N VAL C 25 4.42 -35.66 13.77
CA VAL C 25 3.40 -36.72 13.75
C VAL C 25 3.63 -37.72 12.63
N ASP C 26 4.30 -37.28 11.56
CA ASP C 26 4.63 -38.16 10.44
C ASP C 26 5.61 -39.24 10.87
N ARG C 27 6.57 -38.84 11.68
CA ARG C 27 7.57 -39.76 12.21
C ARG C 27 6.99 -40.59 13.35
N MET C 28 6.30 -39.93 14.28
CA MET C 28 5.80 -40.58 15.48
C MET C 28 4.60 -41.51 15.23
N TYR C 29 3.72 -41.12 14.32
CA TYR C 29 2.50 -41.90 14.05
C TYR C 29 2.43 -42.43 12.62
N GLY C 30 2.90 -41.62 11.67
CA GLY C 30 2.85 -41.96 10.24
C GLY C 30 3.72 -43.15 9.85
N THR C 31 4.83 -43.34 10.56
CA THR C 31 5.76 -44.44 10.24
C THR C 31 5.36 -45.77 10.88
N ILE C 32 4.39 -45.73 11.80
CA ILE C 32 3.95 -46.93 12.51
C ILE C 32 3.05 -47.78 11.63
N ASP C 33 3.20 -49.09 11.75
CA ASP C 33 2.45 -50.05 10.95
C ASP C 33 0.95 -49.96 11.21
N SER C 34 0.17 -50.31 10.20
CA SER C 34 -1.29 -50.31 10.28
C SER C 34 -1.79 -51.69 9.84
N PRO C 35 -2.96 -52.11 10.34
CA PRO C 35 -3.53 -53.36 9.83
C PRO C 35 -3.86 -53.22 8.35
N LYS C 36 -3.76 -54.31 7.59
CA LYS C 36 -4.21 -54.30 6.20
C LYS C 36 -5.72 -54.08 6.19
N LEU C 37 -6.19 -53.29 5.22
CA LEU C 37 -7.61 -52.95 5.14
C LEU C 37 -8.51 -54.17 5.02
N GLU C 38 -8.00 -55.23 4.39
CA GLU C 38 -8.69 -56.53 4.33
C GLU C 38 -8.96 -57.12 5.72
N GLU C 39 -8.01 -56.95 6.63
CA GLU C 39 -8.11 -57.48 8.00
C GLU C 39 -9.28 -56.89 8.78
N LEU C 40 -9.58 -55.62 8.52
CA LEU C 40 -10.62 -54.88 9.25
C LEU C 40 -12.02 -55.42 9.00
N PHE C 41 -12.23 -56.02 7.82
CA PHE C 41 -13.55 -56.46 7.40
C PHE C 41 -13.58 -57.94 7.03
N ILE D 2 -6.20 52.50 1.89
CA ILE D 2 -5.71 51.20 2.41
C ILE D 2 -6.59 50.71 3.57
N PRO D 3 -7.23 49.54 3.41
CA PRO D 3 -8.06 48.95 4.46
C PRO D 3 -7.25 48.64 5.71
N ALA D 4 -7.92 48.58 6.85
CA ALA D 4 -7.27 48.40 8.15
C ALA D 4 -6.43 47.13 8.22
N TRP D 5 -6.94 46.04 7.66
CA TRP D 5 -6.27 44.73 7.74
C TRP D 5 -4.89 44.68 7.07
N ALA D 6 -4.59 45.66 6.22
CA ALA D 6 -3.38 45.61 5.38
C ALA D 6 -2.27 46.60 5.76
N SER D 7 -2.30 47.14 6.97
CA SER D 7 -1.33 48.21 7.32
C SER D 7 -0.47 47.94 8.57
N GLY D 8 -0.94 48.39 9.73
CA GLY D 8 -0.13 48.41 10.94
C GLY D 8 -0.04 47.08 11.67
N ASN D 9 -0.47 47.08 12.93
CA ASN D 9 -0.43 45.90 13.78
C ASN D 9 -1.35 44.78 13.30
N LEU D 10 -2.50 45.14 12.75
CA LEU D 10 -3.50 44.17 12.27
C LEU D 10 -2.92 43.25 11.20
N LEU D 11 -2.13 43.81 10.29
CA LEU D 11 -1.41 43.01 9.28
C LEU D 11 -0.38 42.11 9.95
N THR D 12 0.49 42.70 10.77
CA THR D 12 1.53 41.97 11.50
C THR D 12 0.95 40.75 12.24
N GLN D 13 -0.11 40.98 13.00
CA GLN D 13 -0.75 39.91 13.78
C GLN D 13 -1.33 38.83 12.88
N ALA D 14 -1.95 39.24 11.77
CA ALA D 14 -2.54 38.30 10.80
C ALA D 14 -1.48 37.41 10.14
N ILE D 15 -0.36 38.05 9.77
CA ILE D 15 0.80 37.37 9.18
C ILE D 15 1.40 36.36 10.16
N ARG D 16 1.59 36.78 11.41
CA ARG D 16 2.06 35.88 12.46
C ARG D 16 1.11 34.70 12.65
N GLN D 17 -0.19 34.99 12.69
CA GLN D 17 -1.21 33.96 12.84
C GLN D 17 -1.14 32.94 11.71
N GLN D 18 -0.92 33.44 10.49
CA GLN D 18 -0.84 32.59 9.30
C GLN D 18 0.40 31.69 9.30
N TYR D 19 1.52 32.22 9.81
CA TYR D 19 2.77 31.47 9.87
C TYR D 19 2.67 30.30 10.84
N TYR D 20 2.10 30.56 12.02
CA TYR D 20 1.98 29.55 13.08
C TYR D 20 0.78 28.63 12.95
N LYS D 21 -0.23 29.06 12.20
CA LYS D 21 -1.41 28.24 11.95
C LYS D 21 -1.65 28.10 10.45
N PRO D 22 -0.77 27.35 9.75
CA PRO D 22 -0.92 27.20 8.30
C PRO D 22 -2.18 26.42 7.93
N ILE D 23 -2.93 26.94 6.97
CA ILE D 23 -4.08 26.22 6.44
C ILE D 23 -3.62 25.20 5.40
N ASP D 24 -4.49 24.23 5.10
CA ASP D 24 -4.20 23.25 4.06
C ASP D 24 -4.40 23.91 2.69
N VAL D 25 -3.36 24.59 2.21
CA VAL D 25 -3.41 25.28 0.91
C VAL D 25 -3.53 24.29 -0.24
N ASP D 26 -3.01 23.08 -0.05
CA ASP D 26 -3.05 22.02 -1.05
C ASP D 26 -4.48 21.61 -1.40
N ARG D 27 -5.38 21.62 -0.41
CA ARG D 27 -6.79 21.32 -0.66
C ARG D 27 -7.66 22.58 -0.82
N MET D 28 -7.30 23.65 -0.13
CA MET D 28 -8.10 24.88 -0.17
C MET D 28 -7.92 25.65 -1.49
N TYR D 29 -6.73 25.53 -2.10
CA TYR D 29 -6.45 26.16 -3.38
C TYR D 29 -5.98 25.16 -4.44
N GLY D 30 -5.23 24.16 -4.00
CA GLY D 30 -4.62 23.17 -4.90
C GLY D 30 -5.57 22.22 -5.60
N THR D 31 -6.74 21.99 -5.00
CA THR D 31 -7.76 21.12 -5.60
C THR D 31 -8.72 21.88 -6.51
N ILE D 32 -8.83 23.18 -6.28
CA ILE D 32 -9.74 24.04 -7.04
C ILE D 32 -9.26 24.17 -8.49
N ASP D 33 -10.20 24.06 -9.42
CA ASP D 33 -9.89 24.04 -10.85
C ASP D 33 -9.14 25.29 -11.33
N SER D 34 -8.28 25.09 -12.32
CA SER D 34 -7.53 26.16 -12.94
C SER D 34 -7.91 26.24 -14.42
N PRO D 35 -7.88 27.45 -15.01
CA PRO D 35 -8.03 27.51 -16.46
C PRO D 35 -6.85 26.82 -17.12
N LYS D 36 -7.10 26.12 -18.23
CA LYS D 36 -6.03 25.50 -19.00
C LYS D 36 -5.07 26.59 -19.47
N LEU D 37 -3.77 26.31 -19.46
CA LEU D 37 -2.78 27.30 -19.84
C LEU D 37 -2.93 27.77 -21.29
N GLU D 38 -3.50 26.91 -22.14
CA GLU D 38 -3.83 27.28 -23.51
C GLU D 38 -5.04 28.23 -23.57
N GLU D 39 -5.86 28.25 -22.51
CA GLU D 39 -7.04 29.10 -22.43
C GLU D 39 -6.73 30.51 -21.90
N LEU D 40 -5.59 30.66 -21.22
CA LEU D 40 -5.25 31.91 -20.54
C LEU D 40 -5.34 33.17 -21.40
N PHE D 41 -5.08 33.02 -22.69
CA PHE D 41 -5.14 34.15 -23.62
C PHE D 41 -6.38 34.09 -24.53
N ASN D 42 -7.33 33.23 -24.15
CA ASN D 42 -8.61 33.09 -24.85
C ASN D 42 -9.77 33.66 -24.04
N LYS D 43 -11.00 33.30 -24.41
CA LYS D 43 -12.21 33.75 -23.73
C LYS D 43 -12.26 33.31 -22.27
N SER D 44 -12.78 34.19 -21.42
CA SER D 44 -12.95 33.89 -20.00
C SER D 44 -14.38 33.47 -19.70
#